data_4W6E
#
_entry.id   4W6E
#
_cell.length_a   80.774
_cell.length_b   81.847
_cell.length_c   83.309
_cell.angle_alpha   90.00
_cell.angle_beta   90.00
_cell.angle_gamma   90.00
#
_symmetry.space_group_name_H-M   'I 21 21 21'
#
loop_
_entity.id
_entity.type
_entity.pdbx_description
1 polymer Tankyrase-1
2 non-polymer 'ZINC ION'
3 non-polymer 2-(4-{6-[(3S)-3,4-dimethylpiperazin-1-yl]-4-methylpyridin-3-yl}phenyl)-8-(hydroxymethyl)quinazolin-4(3H)-one
4 water water
#
_entity_poly.entity_id   1
_entity_poly.type   'polypeptide(L)'
_entity_poly.pdbx_seq_one_letter_code
;SMTILLDLAPEDKEYQSVEEEMQSTIREHRDGGNAGGIFNRYNVIRIQKVVNKKLRERFCHRQKEVSEENHNHHNERMLF
HGSPFINAIIHKGFDERHAYIGGMFGAGIYFAENSSKSNQYVYGIGGGTGCPTHKDRSCYICHRQMLFCRVTLGKSFLQF
STIKMAHAPPGHHSVIGRPSVNGLAYAEYVIYRGEQAYPEYLITYQIMKPE
;
_entity_poly.pdbx_strand_id   A
#
loop_
_chem_comp.id
_chem_comp.type
_chem_comp.name
_chem_comp.formula
3J5 non-polymer 2-(4-{6-[(3S)-3,4-dimethylpiperazin-1-yl]-4-methylpyridin-3-yl}phenyl)-8-(hydroxymethyl)quinazolin-4(3H)-one 'C27 H29 N5 O2'
ZN non-polymer 'ZINC ION' 'Zn 2'
#
# COMPACT_ATOMS: atom_id res chain seq x y z
N SER A 1 17.87 -4.13 -7.62
CA SER A 1 18.36 -5.46 -7.93
C SER A 1 17.42 -6.23 -8.89
N MET A 2 17.90 -7.42 -9.39
CA MET A 2 17.18 -8.28 -10.33
C MET A 2 15.82 -8.75 -9.79
N THR A 3 14.74 -8.30 -10.42
CA THR A 3 13.37 -8.64 -10.05
C THR A 3 12.76 -9.49 -11.13
N ILE A 4 12.02 -10.54 -10.72
CA ILE A 4 11.28 -11.45 -11.57
C ILE A 4 9.81 -11.27 -11.21
N LEU A 5 8.93 -11.08 -12.22
CA LEU A 5 7.49 -10.97 -12.03
C LEU A 5 6.84 -12.25 -12.52
N LEU A 6 6.16 -12.97 -11.64
CA LEU A 6 5.51 -14.23 -12.02
C LEU A 6 4.04 -13.99 -12.13
N ASP A 7 3.45 -14.27 -13.29
CA ASP A 7 2.02 -14.10 -13.51
C ASP A 7 1.22 -15.17 -12.79
N LEU A 8 0.19 -14.74 -12.06
CA LEU A 8 -0.74 -15.64 -11.42
C LEU A 8 -1.88 -15.86 -12.42
N ALA A 9 -2.40 -17.09 -12.49
CA ALA A 9 -3.49 -17.40 -13.41
C ALA A 9 -4.82 -16.99 -12.77
N PRO A 10 -5.75 -16.39 -13.53
CA PRO A 10 -7.07 -16.04 -12.94
C PRO A 10 -7.83 -17.21 -12.30
N GLU A 11 -7.48 -18.46 -12.67
CA GLU A 11 -8.12 -19.68 -12.18
C GLU A 11 -7.57 -20.13 -10.83
N ASP A 12 -6.39 -19.61 -10.44
CA ASP A 12 -5.69 -19.91 -9.18
C ASP A 12 -6.39 -19.23 -8.01
N LYS A 13 -6.46 -19.96 -6.86
CA LYS A 13 -7.01 -19.48 -5.60
C LYS A 13 -6.28 -18.21 -5.14
N GLU A 14 -4.96 -18.13 -5.36
CA GLU A 14 -4.11 -17.02 -4.95
C GLU A 14 -4.49 -15.72 -5.65
N TYR A 15 -4.64 -15.77 -6.98
CA TYR A 15 -5.07 -14.63 -7.79
C TYR A 15 -6.48 -14.22 -7.29
N GLN A 16 -7.38 -15.21 -7.12
CA GLN A 16 -8.76 -14.93 -6.68
C GLN A 16 -8.83 -14.29 -5.28
N SER A 17 -7.95 -14.72 -4.36
CA SER A 17 -7.86 -14.15 -3.00
C SER A 17 -7.43 -12.68 -3.04
N VAL A 18 -6.42 -12.35 -3.86
CA VAL A 18 -5.93 -10.99 -4.00
C VAL A 18 -7.00 -10.09 -4.62
N GLU A 19 -7.66 -10.56 -5.71
CA GLU A 19 -8.75 -9.77 -6.30
C GLU A 19 -9.91 -9.56 -5.31
N GLU A 20 -10.30 -10.61 -4.58
CA GLU A 20 -11.38 -10.51 -3.58
C GLU A 20 -11.06 -9.43 -2.52
N GLU A 21 -9.83 -9.41 -1.97
CA GLU A 21 -9.42 -8.38 -1.01
C GLU A 21 -9.45 -7.02 -1.65
N MET A 22 -8.98 -6.95 -2.89
CA MET A 22 -8.95 -5.68 -3.59
C MET A 22 -10.36 -5.12 -3.82
N GLN A 23 -11.25 -5.92 -4.42
CA GLN A 23 -12.62 -5.52 -4.73
C GLN A 23 -13.48 -5.25 -3.50
N SER A 24 -13.39 -6.11 -2.50
CA SER A 24 -14.30 -6.03 -1.35
C SER A 24 -13.93 -4.94 -0.32
N THR A 25 -12.77 -4.28 -0.46
CA THR A 25 -12.32 -3.24 0.48
C THR A 25 -12.54 -1.84 -0.10
N ILE A 26 -13.19 -1.76 -1.30
CA ILE A 26 -13.56 -0.47 -1.93
C ILE A 26 -14.60 0.19 -1.01
N ARG A 27 -14.43 1.49 -0.72
CA ARG A 27 -15.37 2.32 0.05
C ARG A 27 -15.38 3.74 -0.56
N GLU A 28 -16.41 4.54 -0.21
CA GLU A 28 -16.63 5.92 -0.67
C GLU A 28 -15.66 6.89 0.03
N HIS A 29 -15.00 7.77 -0.73
CA HIS A 29 -14.06 8.71 -0.12
C HIS A 29 -14.65 10.12 0.00
N ARG A 30 -14.27 10.83 1.09
CA ARG A 30 -14.71 12.18 1.45
C ARG A 30 -14.53 13.23 0.36
N ASP A 31 -13.57 13.03 -0.57
CA ASP A 31 -13.31 13.94 -1.68
C ASP A 31 -14.26 13.73 -2.88
N GLY A 32 -15.25 12.83 -2.73
CA GLY A 32 -16.23 12.51 -3.75
C GLY A 32 -15.63 11.87 -5.00
N GLY A 33 -14.42 11.34 -4.84
CA GLY A 33 -13.66 10.69 -5.90
C GLY A 33 -12.67 11.59 -6.62
N ASN A 34 -12.37 12.79 -6.08
CA ASN A 34 -11.43 13.69 -6.73
C ASN A 34 -10.02 13.10 -6.94
N ALA A 35 -9.43 12.51 -5.89
CA ALA A 35 -8.07 11.96 -6.00
C ALA A 35 -7.96 10.70 -6.87
N GLY A 36 -8.78 9.69 -6.61
CA GLY A 36 -8.68 8.41 -7.30
C GLY A 36 -9.66 8.13 -8.42
N GLY A 37 -10.71 8.95 -8.52
CA GLY A 37 -11.73 8.74 -9.54
C GLY A 37 -13.05 8.22 -9.00
N ILE A 38 -14.05 8.15 -9.88
CA ILE A 38 -15.41 7.68 -9.54
C ILE A 38 -15.59 6.28 -10.08
N PHE A 39 -15.82 5.31 -9.17
CA PHE A 39 -15.96 3.90 -9.54
C PHE A 39 -16.50 3.15 -8.34
N ASN A 40 -17.12 1.98 -8.58
CA ASN A 40 -17.55 1.12 -7.48
C ASN A 40 -16.90 -0.28 -7.60
N ARG A 41 -16.14 -0.49 -8.70
CA ARG A 41 -15.49 -1.75 -9.03
C ARG A 41 -14.24 -1.51 -9.85
N TYR A 42 -13.28 -2.47 -9.81
CA TYR A 42 -12.09 -2.45 -10.64
C TYR A 42 -12.25 -3.49 -11.74
N ASN A 43 -11.46 -3.32 -12.80
CA ASN A 43 -11.28 -4.33 -13.84
C ASN A 43 -9.83 -4.79 -13.65
N VAL A 44 -9.63 -5.98 -13.04
CA VAL A 44 -8.29 -6.52 -12.77
C VAL A 44 -7.73 -7.11 -14.06
N ILE A 45 -6.60 -6.56 -14.53
CA ILE A 45 -5.97 -6.96 -15.80
C ILE A 45 -5.02 -8.13 -15.59
N ARG A 46 -4.18 -8.04 -14.56
CA ARG A 46 -3.11 -8.98 -14.28
C ARG A 46 -2.77 -8.87 -12.79
N ILE A 47 -2.30 -9.95 -12.19
CA ILE A 47 -1.78 -9.96 -10.81
C ILE A 47 -0.47 -10.73 -10.90
N GLN A 48 0.64 -10.09 -10.47
CA GLN A 48 1.95 -10.75 -10.57
C GLN A 48 2.60 -10.80 -9.19
N LYS A 49 3.37 -11.86 -8.94
CA LYS A 49 4.12 -12.02 -7.70
C LYS A 49 5.52 -11.48 -8.00
N VAL A 50 6.00 -10.58 -7.13
CA VAL A 50 7.29 -9.89 -7.25
C VAL A 50 8.36 -10.73 -6.55
N VAL A 51 9.38 -11.17 -7.28
CA VAL A 51 10.47 -11.96 -6.71
C VAL A 51 11.76 -11.18 -6.78
N ASN A 52 12.32 -10.86 -5.62
CA ASN A 52 13.60 -10.18 -5.60
C ASN A 52 14.34 -10.69 -4.38
N LYS A 53 15.43 -11.40 -4.62
CA LYS A 53 16.24 -12.05 -3.60
C LYS A 53 16.74 -11.06 -2.51
N LYS A 54 17.34 -9.92 -2.91
CA LYS A 54 17.91 -8.94 -1.97
C LYS A 54 16.85 -8.29 -1.10
N LEU A 55 15.68 -7.96 -1.69
CA LEU A 55 14.57 -7.36 -0.95
C LEU A 55 14.04 -8.35 0.07
N ARG A 56 13.89 -9.63 -0.34
CA ARG A 56 13.39 -10.70 0.53
C ARG A 56 14.36 -10.86 1.71
N GLU A 57 15.69 -10.89 1.42
CA GLU A 57 16.75 -10.99 2.42
C GLU A 57 16.62 -9.86 3.47
N ARG A 58 16.51 -8.60 3.00
CA ARG A 58 16.39 -7.42 3.89
C ARG A 58 15.10 -7.47 4.70
N PHE A 59 13.98 -7.88 4.08
CA PHE A 59 12.69 -8.01 4.78
C PHE A 59 12.77 -9.09 5.90
N CYS A 60 13.34 -10.28 5.59
CA CYS A 60 13.45 -11.40 6.55
C CYS A 60 14.39 -11.06 7.71
N HIS A 61 15.48 -10.28 7.42
CA HIS A 61 16.43 -9.87 8.44
C HIS A 61 15.72 -8.94 9.43
N ARG A 62 14.92 -8.00 8.90
CA ARG A 62 14.18 -7.05 9.73
C ARG A 62 13.07 -7.76 10.55
N GLN A 63 12.40 -8.77 9.97
CA GLN A 63 11.37 -9.54 10.69
C GLN A 63 11.92 -10.13 11.96
N LYS A 64 13.16 -10.69 11.91
CA LYS A 64 13.84 -11.30 13.05
C LYS A 64 14.07 -10.26 14.16
N GLU A 65 14.57 -9.06 13.81
CA GLU A 65 14.81 -7.97 14.78
C GLU A 65 13.50 -7.54 15.44
N VAL A 66 12.42 -7.41 14.63
CA VAL A 66 11.10 -7.04 15.12
C VAL A 66 10.58 -8.12 16.10
N SER A 67 10.59 -9.41 15.65
CA SER A 67 10.22 -10.59 16.47
C SER A 67 10.88 -10.52 17.86
N GLU A 68 12.23 -10.30 17.90
CA GLU A 68 13.02 -10.17 19.13
C GLU A 68 12.49 -9.11 20.11
N GLU A 69 11.96 -7.98 19.58
CA GLU A 69 11.40 -6.89 20.39
C GLU A 69 9.90 -6.98 20.58
N ASN A 70 9.28 -8.03 20.04
CA ASN A 70 7.83 -8.14 20.12
C ASN A 70 7.36 -9.54 20.52
N HIS A 71 8.03 -10.15 21.52
CA HIS A 71 7.67 -11.46 22.06
C HIS A 71 7.55 -12.55 20.99
N ASN A 72 8.45 -12.51 19.99
CA ASN A 72 8.56 -13.47 18.89
C ASN A 72 7.36 -13.43 17.93
N HIS A 73 6.79 -12.23 17.75
CA HIS A 73 5.68 -12.00 16.85
C HIS A 73 6.04 -10.93 15.85
N HIS A 74 5.89 -11.22 14.57
CA HIS A 74 6.13 -10.24 13.49
C HIS A 74 4.96 -9.27 13.42
N ASN A 75 3.74 -9.75 13.75
CA ASN A 75 2.50 -9.00 13.58
C ASN A 75 2.40 -8.53 12.09
N GLU A 76 2.50 -9.48 11.17
CA GLU A 76 2.46 -9.19 9.74
C GLU A 76 1.01 -9.01 9.26
N ARG A 77 0.78 -8.04 8.35
CA ARG A 77 -0.53 -7.79 7.75
C ARG A 77 -0.35 -7.58 6.26
N MET A 78 -1.32 -8.04 5.45
CA MET A 78 -1.31 -7.82 3.99
C MET A 78 -2.00 -6.49 3.79
N LEU A 79 -1.33 -5.50 3.20
CA LEU A 79 -1.89 -4.15 3.04
C LEU A 79 -1.60 -3.53 1.68
N PHE A 80 -2.47 -2.62 1.25
CA PHE A 80 -2.31 -2.00 -0.07
C PHE A 80 -1.40 -0.79 -0.04
N HIS A 81 -0.70 -0.54 -1.17
CA HIS A 81 0.15 0.64 -1.35
C HIS A 81 0.03 1.11 -2.82
N GLY A 82 -0.38 2.35 -2.99
CA GLY A 82 -0.50 3.01 -4.28
C GLY A 82 0.56 4.07 -4.30
N SER A 83 1.26 4.24 -5.44
CA SER A 83 2.37 5.19 -5.54
C SER A 83 2.83 5.39 -6.96
N PRO A 84 3.29 6.61 -7.33
CA PRO A 84 3.86 6.80 -8.68
C PRO A 84 5.22 6.07 -8.81
N PHE A 85 5.77 5.58 -7.68
CA PHE A 85 7.10 4.97 -7.62
C PHE A 85 7.13 3.44 -7.55
N ILE A 86 6.16 2.79 -8.20
CA ILE A 86 6.04 1.34 -8.28
C ILE A 86 7.29 0.68 -8.88
N ASN A 87 7.82 1.20 -10.01
CA ASN A 87 9.03 0.63 -10.59
C ASN A 87 10.23 0.60 -9.61
N ALA A 88 10.52 1.72 -8.93
CA ALA A 88 11.61 1.79 -7.95
C ALA A 88 11.35 0.84 -6.77
N ILE A 89 10.11 0.77 -6.28
CA ILE A 89 9.78 -0.10 -5.13
C ILE A 89 10.05 -1.60 -5.41
N ILE A 90 9.59 -2.09 -6.55
CA ILE A 90 9.75 -3.52 -6.86
C ILE A 90 11.21 -3.91 -7.17
N HIS A 91 12.07 -2.92 -7.46
CA HIS A 91 13.46 -3.16 -7.81
C HIS A 91 14.39 -2.89 -6.65
N LYS A 92 14.12 -1.84 -5.90
CA LYS A 92 14.97 -1.36 -4.81
C LYS A 92 14.35 -1.46 -3.41
N GLY A 93 13.06 -1.79 -3.35
CA GLY A 93 12.32 -1.90 -2.09
C GLY A 93 11.78 -0.57 -1.65
N PHE A 94 10.96 -0.58 -0.60
CA PHE A 94 10.41 0.60 0.06
C PHE A 94 11.58 1.31 0.75
N ASP A 95 11.61 2.62 0.67
CA ASP A 95 12.71 3.41 1.22
C ASP A 95 12.12 4.56 2.00
N GLU A 96 12.39 4.61 3.32
CA GLU A 96 11.85 5.67 4.21
C GLU A 96 12.46 7.04 3.90
N ARG A 97 13.52 7.08 3.10
CA ARG A 97 14.08 8.38 2.71
C ARG A 97 13.08 9.03 1.69
N HIS A 98 12.14 8.23 1.14
CA HIS A 98 11.07 8.65 0.23
C HIS A 98 9.73 8.57 0.97
N ALA A 99 9.74 8.81 2.29
CA ALA A 99 8.55 8.80 3.15
C ALA A 99 7.60 9.94 2.74
N TYR A 100 6.33 9.85 3.15
CA TYR A 100 5.32 10.87 2.89
C TYR A 100 5.35 11.88 4.04
N ILE A 101 6.13 12.97 3.87
CA ILE A 101 6.31 14.04 4.87
C ILE A 101 4.99 14.67 5.29
N GLY A 102 4.12 14.93 4.32
CA GLY A 102 2.81 15.52 4.54
C GLY A 102 1.80 14.61 5.23
N GLY A 103 2.19 13.37 5.51
CA GLY A 103 1.32 12.38 6.16
C GLY A 103 0.84 12.84 7.51
N MET A 104 -0.39 12.43 7.88
CA MET A 104 -0.96 12.80 9.16
C MET A 104 -0.18 12.24 10.37
N PHE A 105 0.64 11.19 10.15
CA PHE A 105 1.50 10.62 11.21
C PHE A 105 3.00 10.89 10.97
N GLY A 106 3.30 11.92 10.21
CA GLY A 106 4.68 12.29 9.92
C GLY A 106 5.30 11.47 8.79
N ALA A 107 6.61 11.61 8.64
CA ALA A 107 7.38 11.03 7.55
C ALA A 107 7.61 9.52 7.65
N GLY A 108 6.55 8.79 7.32
CA GLY A 108 6.55 7.34 7.26
C GLY A 108 6.09 6.86 5.90
N ILE A 109 6.02 5.53 5.73
CA ILE A 109 5.54 4.89 4.49
C ILE A 109 4.16 4.38 4.87
N TYR A 110 3.15 4.80 4.10
CA TYR A 110 1.73 4.58 4.39
C TYR A 110 1.09 3.48 3.59
N PHE A 111 0.27 2.66 4.28
CA PHE A 111 -0.43 1.52 3.73
C PHE A 111 -1.89 1.57 4.14
N ALA A 112 -2.75 0.96 3.34
CA ALA A 112 -4.20 0.98 3.60
C ALA A 112 -4.77 -0.42 3.65
N GLU A 113 -5.82 -0.61 4.46
CA GLU A 113 -6.54 -1.87 4.41
C GLU A 113 -7.62 -1.76 3.33
N ASN A 114 -7.93 -0.52 2.84
CA ASN A 114 -8.94 -0.32 1.77
C ASN A 114 -8.21 -0.06 0.47
N SER A 115 -8.38 -0.91 -0.57
CA SER A 115 -7.70 -0.72 -1.85
C SER A 115 -8.04 0.67 -2.43
N SER A 116 -9.29 1.13 -2.25
CA SER A 116 -9.72 2.42 -2.78
C SER A 116 -8.93 3.61 -2.19
N LYS A 117 -8.47 3.48 -0.94
CA LYS A 117 -7.65 4.53 -0.33
C LYS A 117 -6.26 4.57 -1.03
N SER A 118 -5.64 3.40 -1.28
CA SER A 118 -4.35 3.36 -2.01
C SER A 118 -4.46 3.86 -3.47
N ASN A 119 -5.62 3.63 -4.10
CA ASN A 119 -5.89 4.08 -5.49
C ASN A 119 -5.82 5.62 -5.62
N GLN A 120 -6.03 6.34 -4.50
CA GLN A 120 -5.94 7.82 -4.45
C GLN A 120 -4.50 8.34 -4.60
N TYR A 121 -3.47 7.43 -4.51
CA TYR A 121 -2.03 7.79 -4.53
C TYR A 121 -1.27 7.23 -5.70
N VAL A 122 -1.92 6.42 -6.54
CA VAL A 122 -1.32 5.80 -7.73
C VAL A 122 -0.64 6.86 -8.63
N TYR A 123 -1.31 8.02 -8.82
CA TYR A 123 -0.74 9.07 -9.65
C TYR A 123 -0.06 10.20 -8.85
N GLY A 124 -0.04 10.08 -7.52
CA GLY A 124 0.62 11.04 -6.64
C GLY A 124 -0.22 11.48 -5.46
N ILE A 125 0.31 12.39 -4.62
CA ILE A 125 -0.42 12.91 -3.47
C ILE A 125 -1.68 13.61 -3.99
N GLY A 126 -2.86 13.21 -3.49
CA GLY A 126 -4.13 13.78 -3.91
C GLY A 126 -4.50 13.43 -5.37
N GLY A 127 -3.86 12.41 -5.92
CA GLY A 127 -4.03 11.95 -7.29
C GLY A 127 -3.13 12.68 -8.29
N GLY A 128 -2.35 13.66 -7.79
CA GLY A 128 -1.46 14.51 -8.58
C GLY A 128 -2.23 15.12 -9.75
N THR A 129 -1.69 15.00 -10.96
CA THR A 129 -2.37 15.48 -12.19
C THR A 129 -3.10 14.36 -12.94
N GLY A 130 -3.20 13.18 -12.33
CA GLY A 130 -3.84 12.02 -12.94
C GLY A 130 -2.89 11.24 -13.85
N CYS A 131 -3.47 10.38 -14.71
CA CYS A 131 -2.73 9.55 -15.65
C CYS A 131 -1.79 10.40 -16.52
N PRO A 132 -0.55 9.96 -16.80
CA PRO A 132 0.36 10.78 -17.62
C PRO A 132 -0.13 11.13 -19.03
N THR A 133 -0.91 10.23 -19.68
CA THR A 133 -1.40 10.46 -21.03
C THR A 133 -2.54 11.47 -21.09
N HIS A 134 -3.60 11.29 -20.29
CA HIS A 134 -4.78 12.16 -20.40
C HIS A 134 -4.93 13.19 -19.28
N LYS A 135 -3.99 13.19 -18.27
CA LYS A 135 -4.03 14.15 -17.15
C LYS A 135 -5.41 14.11 -16.48
N ASP A 136 -5.91 12.88 -16.27
CA ASP A 136 -7.22 12.59 -15.71
C ASP A 136 -7.08 11.70 -14.47
N ARG A 137 -7.49 12.22 -13.31
CA ARG A 137 -7.45 11.48 -12.05
C ARG A 137 -8.47 10.34 -12.06
N SER A 138 -9.52 10.48 -12.87
CA SER A 138 -10.56 9.48 -13.02
C SER A 138 -10.45 8.73 -14.35
N CYS A 139 -9.23 8.63 -14.91
CA CYS A 139 -9.06 7.93 -16.18
C CYS A 139 -9.53 6.50 -16.11
N TYR A 140 -10.41 6.09 -17.05
CA TYR A 140 -10.93 4.70 -17.11
C TYR A 140 -10.24 3.89 -18.18
N ILE A 141 -9.33 4.53 -18.92
CA ILE A 141 -8.60 3.92 -20.03
C ILE A 141 -7.30 3.36 -19.52
N CYS A 142 -6.46 4.22 -18.93
CA CYS A 142 -5.12 3.85 -18.49
C CYS A 142 -5.12 2.80 -17.42
N HIS A 143 -4.23 1.81 -17.62
CA HIS A 143 -4.00 0.72 -16.71
C HIS A 143 -3.17 1.26 -15.56
N ARG A 144 -3.71 1.12 -14.38
CA ARG A 144 -3.08 1.55 -13.13
C ARG A 144 -2.43 0.36 -12.50
N GLN A 145 -1.53 0.60 -11.55
CA GLN A 145 -0.92 -0.49 -10.78
C GLN A 145 -0.88 -0.11 -9.31
N MET A 146 -1.06 -1.10 -8.44
CA MET A 146 -0.90 -0.94 -7.00
C MET A 146 -0.29 -2.23 -6.43
N LEU A 147 0.22 -2.12 -5.21
CA LEU A 147 0.83 -3.26 -4.56
C LEU A 147 -0.03 -3.76 -3.42
N PHE A 148 0.01 -5.07 -3.19
CA PHE A 148 -0.62 -5.71 -2.03
C PHE A 148 0.58 -6.33 -1.33
N CYS A 149 0.98 -5.72 -0.21
CA CYS A 149 2.24 -5.94 0.51
C CYS A 149 2.19 -6.73 1.79
N ARG A 150 3.29 -7.42 2.10
CA ARG A 150 3.52 -8.06 3.40
C ARG A 150 4.13 -6.91 4.24
N VAL A 151 3.43 -6.51 5.31
CA VAL A 151 3.89 -5.41 6.17
C VAL A 151 4.12 -5.92 7.59
N THR A 152 5.38 -5.83 8.06
CA THR A 152 5.76 -6.20 9.42
C THR A 152 5.36 -5.02 10.34
N LEU A 153 4.29 -5.18 11.11
CA LEU A 153 3.86 -4.09 12.00
C LEU A 153 4.51 -4.13 13.36
N GLY A 154 4.94 -5.32 13.79
CA GLY A 154 5.49 -5.53 15.13
C GLY A 154 4.55 -4.97 16.17
N LYS A 155 5.09 -4.19 17.13
CA LYS A 155 4.27 -3.57 18.15
C LYS A 155 3.76 -2.21 17.65
N SER A 156 2.46 -2.12 17.38
CA SER A 156 1.79 -0.93 16.83
C SER A 156 1.38 0.08 17.86
N PHE A 157 1.53 1.36 17.50
CA PHE A 157 1.11 2.46 18.35
C PHE A 157 -0.17 3.01 17.71
N LEU A 158 -1.32 2.88 18.40
CA LEU A 158 -2.60 3.29 17.83
C LEU A 158 -2.89 4.74 18.12
N GLN A 159 -3.28 5.48 17.08
CA GLN A 159 -3.62 6.91 17.18
C GLN A 159 -4.93 7.19 16.46
N PHE A 160 -5.62 8.28 16.82
CA PHE A 160 -6.94 8.59 16.27
C PHE A 160 -7.00 9.94 15.55
N SER A 161 -5.96 10.74 15.71
CA SER A 161 -5.85 12.06 15.06
C SER A 161 -4.38 12.38 14.84
N THR A 162 -4.11 13.36 13.98
CA THR A 162 -2.77 13.79 13.56
C THR A 162 -1.76 13.97 14.71
N ILE A 163 -0.62 13.32 14.53
CA ILE A 163 0.54 13.38 15.43
C ILE A 163 1.73 13.09 14.54
N LYS A 164 2.48 14.12 14.22
CA LYS A 164 3.63 13.99 13.32
C LYS A 164 4.81 13.42 14.05
N MET A 165 5.38 12.32 13.52
CA MET A 165 6.58 11.73 14.09
C MET A 165 7.53 11.21 13.00
N ALA A 166 8.82 11.10 13.34
CA ALA A 166 9.87 10.71 12.39
C ALA A 166 10.11 9.21 12.42
N HIS A 167 9.81 8.60 13.56
CA HIS A 167 10.07 7.18 13.82
C HIS A 167 8.94 6.71 14.69
N ALA A 168 8.75 5.38 14.81
CA ALA A 168 7.72 4.83 15.68
C ALA A 168 8.12 5.18 17.13
N PRO A 169 7.14 5.28 18.08
CA PRO A 169 7.50 5.56 19.49
C PRO A 169 8.47 4.54 20.06
N PRO A 170 9.23 4.87 21.15
CA PRO A 170 10.10 3.86 21.79
C PRO A 170 9.35 2.53 22.05
N GLY A 171 10.01 1.42 21.80
CA GLY A 171 9.43 0.09 21.99
C GLY A 171 8.45 -0.34 20.91
N HIS A 172 8.09 0.54 19.95
CA HIS A 172 7.10 0.26 18.89
C HIS A 172 7.73 0.14 17.52
N HIS A 173 7.03 -0.46 16.55
CA HIS A 173 7.56 -0.71 15.21
C HIS A 173 6.68 -0.11 14.11
N SER A 174 5.49 0.39 14.48
CA SER A 174 4.58 0.98 13.52
C SER A 174 3.57 1.87 14.23
N VAL A 175 2.88 2.67 13.44
CA VAL A 175 1.83 3.56 13.94
C VAL A 175 0.56 3.23 13.14
N ILE A 176 -0.58 3.10 13.84
CA ILE A 176 -1.85 2.87 13.14
C ILE A 176 -2.80 4.02 13.44
N GLY A 177 -3.35 4.57 12.37
CA GLY A 177 -4.40 5.59 12.42
C GLY A 177 -5.73 4.90 12.29
N ARG A 178 -6.54 4.89 13.36
CA ARG A 178 -7.84 4.19 13.33
C ARG A 178 -8.99 5.13 12.96
N PRO A 179 -10.00 4.67 12.17
CA PRO A 179 -11.18 5.50 11.95
C PRO A 179 -11.99 5.70 13.25
N SER A 180 -12.54 6.90 13.43
CA SER A 180 -13.41 7.23 14.57
C SER A 180 -14.52 8.20 14.13
N VAL A 181 -15.47 8.51 15.05
CA VAL A 181 -16.58 9.43 14.82
C VAL A 181 -16.10 10.89 14.83
N GLY A 183 -13.49 12.06 13.17
CA GLY A 183 -12.23 11.33 13.03
C GLY A 183 -11.94 10.86 11.62
N LEU A 184 -10.91 10.00 11.47
CA LEU A 184 -10.47 9.41 10.19
C LEU A 184 -11.58 8.60 9.55
N ALA A 185 -11.67 8.64 8.22
CA ALA A 185 -12.67 7.86 7.49
C ALA A 185 -12.18 6.41 7.35
N TYR A 186 -10.88 6.22 7.00
CA TYR A 186 -10.31 4.88 6.82
C TYR A 186 -9.00 4.69 7.57
N ALA A 187 -8.73 3.44 7.99
CA ALA A 187 -7.50 3.08 8.71
C ALA A 187 -6.23 3.30 7.85
N GLU A 188 -5.13 3.74 8.49
CA GLU A 188 -3.82 4.00 7.84
C GLU A 188 -2.75 3.29 8.68
N TYR A 189 -1.86 2.57 8.02
CA TYR A 189 -0.79 1.80 8.64
C TYR A 189 0.54 2.42 8.25
N VAL A 190 1.34 2.82 9.25
CA VAL A 190 2.58 3.56 8.98
C VAL A 190 3.80 2.84 9.52
N ILE A 191 4.82 2.64 8.67
CA ILE A 191 6.14 2.09 9.02
C ILE A 191 7.15 3.19 8.74
N TYR A 192 8.25 3.19 9.49
CA TYR A 192 9.26 4.23 9.37
C TYR A 192 10.60 3.64 8.88
N ARG A 193 10.63 2.33 8.58
CA ARG A 193 11.79 1.62 8.04
C ARG A 193 11.27 0.85 6.84
N GLY A 194 11.85 1.11 5.68
CA GLY A 194 11.43 0.50 4.41
C GLY A 194 11.47 -1.01 4.40
N GLU A 195 12.44 -1.59 5.09
CA GLU A 195 12.62 -3.04 5.15
C GLU A 195 11.51 -3.75 5.96
N GLN A 196 10.52 -2.99 6.50
CA GLN A 196 9.35 -3.59 7.17
C GLN A 196 8.21 -3.87 6.18
N ALA A 197 8.44 -3.71 4.87
CA ALA A 197 7.41 -4.04 3.88
C ALA A 197 8.02 -4.72 2.68
N TYR A 198 7.33 -5.76 2.17
CA TYR A 198 7.75 -6.48 0.97
C TYR A 198 6.64 -6.32 -0.07
N PRO A 199 6.97 -5.85 -1.31
CA PRO A 199 5.93 -5.62 -2.33
C PRO A 199 5.49 -6.94 -2.97
N GLU A 200 4.79 -7.80 -2.23
CA GLU A 200 4.46 -9.16 -2.66
C GLU A 200 3.72 -9.28 -4.01
N TYR A 201 2.63 -8.53 -4.18
CA TYR A 201 1.81 -8.58 -5.38
C TYR A 201 1.75 -7.25 -6.11
N LEU A 202 1.92 -7.31 -7.43
CA LEU A 202 1.78 -6.19 -8.36
C LEU A 202 0.45 -6.42 -9.12
N ILE A 203 -0.53 -5.53 -8.88
CA ILE A 203 -1.86 -5.65 -9.50
C ILE A 203 -1.96 -4.60 -10.57
N THR A 204 -2.36 -4.99 -11.79
CA THR A 204 -2.59 -4.09 -12.93
C THR A 204 -4.08 -4.07 -13.10
N TYR A 205 -4.66 -2.88 -13.15
CA TYR A 205 -6.12 -2.76 -13.17
C TYR A 205 -6.56 -1.46 -13.80
N GLN A 206 -7.86 -1.35 -14.02
CA GLN A 206 -8.52 -0.13 -14.40
C GLN A 206 -9.61 0.08 -13.37
N ILE A 207 -9.95 1.33 -13.09
CA ILE A 207 -11.13 1.64 -12.29
C ILE A 207 -12.28 1.53 -13.32
N MET A 208 -13.46 1.08 -12.89
CA MET A 208 -14.55 0.95 -13.87
C MET A 208 -15.54 2.08 -13.79
N LYS A 209 -15.86 2.66 -14.96
CA LYS A 209 -16.82 3.74 -15.10
C LYS A 209 -18.20 3.15 -14.87
N PRO A 210 -18.93 3.54 -13.81
CA PRO A 210 -20.26 2.97 -13.61
C PRO A 210 -21.15 3.14 -14.85
N GLU A 211 -21.91 2.09 -15.20
CA GLU A 211 -22.81 2.01 -16.35
C GLU A 211 -23.86 3.14 -16.35
ZN ZN B . -5.46 8.06 -19.12
C1 3J5 C . 5.29 10.81 -2.14
C2 3J5 C . 6.03 11.72 -2.89
C3 3J5 C . 5.59 12.02 -4.20
C7 3J5 C . 3.03 7.97 -2.43
C8 3J5 C . 2.11 7.14 -1.79
C9 3J5 C . 1.41 7.59 -0.67
C10 3J5 C . 1.68 8.88 -0.19
C11 3J5 C . 2.57 9.70 -0.85
C12 3J5 C . 0.41 6.75 0.01
C13 3J5 C . -0.87 4.67 0.01
C14 3J5 C . -1.52 5.20 1.21
C15 3J5 C . -2.48 4.45 1.90
C16 3J5 C . -3.10 5.00 3.02
C19 3J5 C . -1.17 6.48 1.65
C20 3J5 C . -1.46 8.42 3.28
C21 3J5 C . 6.12 12.90 -6.46
C22 3J5 C . 6.47 14.27 -7.06
C24 3J5 C . 7.52 13.55 -4.50
O 3J5 C . -1.11 3.56 -0.47
N1 3J5 C . 0.08 5.49 -0.55
C18 3J5 C . -1.82 7.04 2.78
O1 3J5 C . -2.47 8.98 4.10
C17 3J5 C . -2.77 6.27 3.44
N2 3J5 C . -0.22 7.25 1.04
C6 3J5 C . 3.27 9.26 -1.98
C5 3J5 C . 4.17 10.19 -2.71
C 3J5 C . 5.77 10.49 -0.74
C4 3J5 C . 3.80 10.60 -3.99
N 3J5 C . 4.48 11.49 -4.73
N3 3J5 C . 6.31 12.90 -5.00
C23 3J5 C . 8.09 14.79 -5.20
C25 3J5 C . 7.56 16.08 -4.58
N4 3J5 C . 7.82 14.70 -6.66
C26 3J5 C . 8.87 13.98 -7.38
#